data_2E18
#
_entry.id   2E18
#
_cell.length_a   84.919
_cell.length_b   84.919
_cell.length_c   113.576
_cell.angle_alpha   90.00
_cell.angle_beta   90.00
_cell.angle_gamma   90.00
#
_symmetry.space_group_name_H-M   'P 41'
#
loop_
_entity.id
_entity.type
_entity.pdbx_description
1 polymer 'NH(3)-dependent NAD(+) synthetase'
2 non-polymer 'ZINC ION'
3 non-polymer IMIDAZOLE
4 water water
#
_entity_poly.entity_id   1
_entity_poly.type   'polypeptide(L)'
_entity_poly.pdbx_seq_one_letter_code
;MRILDYDKVIERILEFIREKGNNGVVIGISGGVDSATVAYLATKALGKEKVLGLIMPYFENKDVEDAKLVAEKLGIGYKV
INIKPIVDSFVENLELNLDRKGLGNIMSRTRMIMLYAHANSLGRIVLGTSNRSEFLTGYFTKWGDGASDYAPIINLYKTE
VWEIAKRIGVPERIVKKKPSAGLWEGQTDEDELGISYNLLDEILWRMIDLKIGKEEIAKDLGIPLSLVERVEELIKKSEH
KRRLPIGPSFEDLIVGP
;
_entity_poly.pdbx_strand_id   A,B
#
# COMPACT_ATOMS: atom_id res chain seq x y z
N MET A 1 -25.06 0.92 -20.31
CA MET A 1 -24.01 0.35 -19.47
C MET A 1 -24.14 -1.17 -19.43
N ARG A 2 -23.02 -1.83 -19.14
CA ARG A 2 -23.11 -3.27 -18.98
C ARG A 2 -24.20 -3.59 -17.96
N ILE A 3 -24.90 -4.71 -18.19
CA ILE A 3 -25.94 -5.10 -17.26
C ILE A 3 -25.53 -6.31 -16.44
N LEU A 4 -25.67 -6.21 -15.12
CA LEU A 4 -25.34 -7.31 -14.22
C LEU A 4 -26.60 -7.91 -13.65
N ASP A 5 -26.49 -9.17 -13.22
CA ASP A 5 -27.61 -9.86 -12.58
C ASP A 5 -27.32 -9.64 -11.09
N TYR A 6 -27.78 -8.49 -10.59
CA TYR A 6 -27.57 -8.11 -9.20
C TYR A 6 -27.88 -9.19 -8.19
N ASP A 7 -28.99 -9.88 -8.38
CA ASP A 7 -29.37 -10.94 -7.46
C ASP A 7 -28.18 -11.88 -7.28
N LYS A 8 -27.54 -12.25 -8.37
CA LYS A 8 -26.39 -13.14 -8.32
C LYS A 8 -25.12 -12.43 -7.85
N VAL A 9 -24.94 -11.18 -8.25
CA VAL A 9 -23.77 -10.40 -7.87
C VAL A 9 -23.71 -10.24 -6.36
N ILE A 10 -24.82 -9.79 -5.78
CA ILE A 10 -24.90 -9.62 -4.34
C ILE A 10 -24.56 -10.95 -3.67
N GLU A 11 -25.19 -12.03 -4.15
CA GLU A 11 -24.95 -13.37 -3.62
C GLU A 11 -23.46 -13.70 -3.58
N ARG A 12 -22.76 -13.46 -4.69
CA ARG A 12 -21.34 -13.76 -4.79
C ARG A 12 -20.46 -12.90 -3.86
N ILE A 13 -20.88 -11.66 -3.63
CA ILE A 13 -20.12 -10.78 -2.74
C ILE A 13 -20.21 -11.34 -1.33
N LEU A 14 -21.43 -11.69 -0.91
CA LEU A 14 -21.67 -12.25 0.42
C LEU A 14 -20.87 -13.53 0.64
N GLU A 15 -20.84 -14.40 -0.37
CA GLU A 15 -20.08 -15.64 -0.26
C GLU A 15 -18.59 -15.34 -0.16
N PHE A 16 -18.14 -14.33 -0.90
CA PHE A 16 -16.74 -13.92 -0.90
C PHE A 16 -16.32 -13.40 0.48
N ILE A 17 -17.19 -12.62 1.11
CA ILE A 17 -16.88 -12.07 2.43
C ILE A 17 -16.93 -13.19 3.48
N ARG A 18 -17.83 -14.15 3.30
CA ARG A 18 -17.92 -15.26 4.24
C ARG A 18 -16.63 -16.07 4.20
N GLU A 19 -16.13 -16.30 2.99
CA GLU A 19 -14.91 -17.08 2.81
C GLU A 19 -13.64 -16.37 3.26
N LYS A 20 -13.60 -15.06 3.10
CA LYS A 20 -12.41 -14.29 3.47
C LYS A 20 -12.37 -13.73 4.89
N GLY A 21 -13.53 -13.45 5.48
CA GLY A 21 -13.53 -12.88 6.82
C GLY A 21 -14.27 -13.65 7.91
N ASN A 22 -14.14 -14.98 7.91
CA ASN A 22 -14.80 -15.81 8.89
C ASN A 22 -14.43 -15.43 10.31
N ASN A 23 -13.20 -14.94 10.48
CA ASN A 23 -12.71 -14.54 11.79
C ASN A 23 -13.08 -13.10 12.15
N GLY A 24 -14.01 -12.51 11.40
CA GLY A 24 -14.41 -11.14 11.69
C GLY A 24 -13.65 -10.11 10.86
N VAL A 25 -14.26 -8.94 10.70
CA VAL A 25 -13.66 -7.88 9.91
C VAL A 25 -13.71 -6.51 10.58
N VAL A 26 -12.90 -5.61 10.08
CA VAL A 26 -12.85 -4.24 10.56
C VAL A 26 -13.00 -3.41 9.28
N ILE A 27 -13.91 -2.44 9.34
CA ILE A 27 -14.20 -1.60 8.19
C ILE A 27 -14.26 -0.12 8.56
N GLY A 28 -13.80 0.72 7.65
CA GLY A 28 -13.85 2.15 7.87
C GLY A 28 -15.20 2.63 7.38
N ILE A 29 -16.00 3.20 8.27
CA ILE A 29 -17.31 3.74 7.90
C ILE A 29 -17.32 5.28 7.92
N SER A 30 -17.58 5.87 6.74
CA SER A 30 -17.38 7.31 6.61
C SER A 30 -18.68 8.09 6.46
N GLY A 31 -19.77 7.35 6.21
CA GLY A 31 -21.05 8.02 5.97
C GLY A 31 -21.36 8.13 4.47
N GLY A 32 -20.36 7.72 3.64
CA GLY A 32 -20.59 7.67 2.19
C GLY A 32 -21.20 6.32 1.80
N VAL A 33 -21.61 6.21 0.51
CA VAL A 33 -22.35 5.01 0.11
C VAL A 33 -21.45 3.79 -0.06
N ASP A 34 -20.21 3.96 -0.47
CA ASP A 34 -19.30 2.83 -0.67
C ASP A 34 -19.02 2.03 0.60
N SER A 35 -18.61 2.72 1.66
CA SER A 35 -18.31 2.04 2.92
C SER A 35 -19.57 1.51 3.58
N ALA A 36 -20.68 2.22 3.40
CA ALA A 36 -21.95 1.79 3.98
C ALA A 36 -22.43 0.51 3.29
N THR A 37 -22.21 0.43 1.98
CA THR A 37 -22.62 -0.74 1.21
C THR A 37 -21.80 -1.94 1.64
N VAL A 38 -20.51 -1.72 1.85
CA VAL A 38 -19.64 -2.81 2.29
C VAL A 38 -20.01 -3.20 3.72
N ALA A 39 -20.40 -2.21 4.50
CA ALA A 39 -20.81 -2.46 5.89
C ALA A 39 -22.08 -3.34 5.88
N TYR A 40 -23.04 -3.00 5.04
CA TYR A 40 -24.28 -3.78 4.95
C TYR A 40 -24.04 -5.19 4.44
N LEU A 41 -23.27 -5.33 3.37
CA LEU A 41 -22.97 -6.65 2.82
C LEU A 41 -22.22 -7.51 3.83
N ALA A 42 -21.25 -6.90 4.51
CA ALA A 42 -20.45 -7.63 5.50
C ALA A 42 -21.31 -8.10 6.67
N THR A 43 -22.22 -7.24 7.11
CA THR A 43 -23.10 -7.56 8.23
C THR A 43 -24.03 -8.71 7.85
N LYS A 44 -24.68 -8.60 6.69
CA LYS A 44 -25.59 -9.64 6.23
C LYS A 44 -24.84 -10.96 6.02
N ALA A 45 -23.60 -10.87 5.56
CA ALA A 45 -22.78 -12.04 5.28
C ALA A 45 -22.18 -12.76 6.49
N LEU A 46 -21.75 -11.99 7.48
CA LEU A 46 -21.11 -12.57 8.66
C LEU A 46 -21.91 -12.41 9.95
N GLY A 47 -22.87 -11.50 9.95
CA GLY A 47 -23.64 -11.25 11.17
C GLY A 47 -22.97 -10.08 11.86
N LYS A 48 -23.74 -9.24 12.55
CA LYS A 48 -23.19 -8.06 13.21
C LYS A 48 -22.02 -8.28 14.18
N GLU A 49 -22.00 -9.40 14.90
CA GLU A 49 -20.93 -9.67 15.86
C GLU A 49 -19.53 -9.75 15.23
N LYS A 50 -19.48 -9.99 13.93
CA LYS A 50 -18.20 -10.13 13.23
C LYS A 50 -17.76 -8.86 12.51
N VAL A 51 -18.52 -7.78 12.67
CA VAL A 51 -18.22 -6.53 11.99
C VAL A 51 -17.97 -5.36 12.92
N LEU A 52 -16.74 -4.86 12.92
CA LEU A 52 -16.39 -3.70 13.74
C LEU A 52 -16.19 -2.53 12.79
N GLY A 53 -16.93 -1.45 13.04
CA GLY A 53 -16.80 -0.28 12.18
C GLY A 53 -16.05 0.85 12.85
N LEU A 54 -15.08 1.43 12.14
CA LEU A 54 -14.35 2.56 12.71
C LEU A 54 -14.78 3.82 11.97
N ILE A 55 -15.30 4.79 12.72
CA ILE A 55 -15.73 6.06 12.16
C ILE A 55 -14.60 6.98 12.59
N MET A 56 -13.84 7.49 11.62
CA MET A 56 -12.66 8.30 11.93
C MET A 56 -12.70 9.70 11.34
N PRO A 57 -13.48 10.60 11.95
CA PRO A 57 -13.60 11.95 11.42
C PRO A 57 -12.34 12.80 11.63
N TYR A 58 -12.05 13.66 10.64
CA TYR A 58 -11.10 14.76 10.84
C TYR A 58 -11.88 16.07 11.06
N PHE A 59 -12.85 16.28 10.14
CA PHE A 59 -13.80 17.39 10.21
C PHE A 59 -15.03 17.00 11.04
N GLU A 60 -15.54 17.94 11.82
CA GLU A 60 -16.77 17.70 12.56
C GLU A 60 -17.94 18.21 11.72
N ASN A 61 -18.44 17.33 10.84
CA ASN A 61 -19.56 17.68 9.99
C ASN A 61 -20.69 16.65 10.10
N LYS A 62 -21.66 16.72 9.19
CA LYS A 62 -22.80 15.81 9.25
C LYS A 62 -22.45 14.41 8.75
N ASP A 63 -21.34 14.29 8.05
CA ASP A 63 -20.88 13.02 7.54
C ASP A 63 -20.77 11.99 8.67
N VAL A 64 -20.38 12.46 9.86
CA VAL A 64 -20.25 11.63 11.05
C VAL A 64 -21.61 11.08 11.48
N GLU A 65 -22.63 11.92 11.30
CA GLU A 65 -23.99 11.56 11.70
C GLU A 65 -24.44 10.41 10.80
N ASP A 66 -24.15 10.53 9.51
CA ASP A 66 -24.50 9.51 8.54
C ASP A 66 -23.80 8.18 8.84
N ALA A 67 -22.51 8.23 9.16
CA ALA A 67 -21.75 7.02 9.46
C ALA A 67 -22.34 6.30 10.68
N LYS A 68 -22.61 7.06 11.73
CA LYS A 68 -23.18 6.49 12.95
C LYS A 68 -24.55 5.89 12.64
N LEU A 69 -25.28 6.50 11.70
CA LEU A 69 -26.59 5.98 11.31
C LEU A 69 -26.40 4.58 10.73
N VAL A 70 -25.39 4.43 9.88
CA VAL A 70 -25.10 3.12 9.28
C VAL A 70 -24.78 2.14 10.40
N ALA A 71 -23.88 2.53 11.30
CA ALA A 71 -23.50 1.68 12.41
C ALA A 71 -24.71 1.31 13.25
N GLU A 72 -25.55 2.29 13.53
CA GLU A 72 -26.74 2.10 14.36
C GLU A 72 -27.76 1.14 13.76
N LYS A 73 -28.14 1.36 12.50
CA LYS A 73 -29.12 0.50 11.85
C LYS A 73 -28.65 -0.95 11.71
N LEU A 74 -27.33 -1.14 11.60
CA LEU A 74 -26.78 -2.48 11.45
C LEU A 74 -26.62 -3.21 12.78
N GLY A 75 -26.47 -2.45 13.86
CA GLY A 75 -26.31 -3.06 15.16
C GLY A 75 -24.89 -3.58 15.38
N ILE A 76 -23.96 -3.15 14.54
CA ILE A 76 -22.57 -3.59 14.66
C ILE A 76 -21.84 -2.86 15.78
N GLY A 77 -20.68 -3.40 16.17
CA GLY A 77 -19.89 -2.71 17.17
C GLY A 77 -19.20 -1.61 16.38
N TYR A 78 -18.97 -0.47 17.00
CA TYR A 78 -18.29 0.61 16.29
C TYR A 78 -17.56 1.52 17.26
N LYS A 79 -16.65 2.31 16.71
CA LYS A 79 -15.82 3.22 17.50
C LYS A 79 -15.60 4.52 16.73
N VAL A 80 -15.81 5.66 17.37
CA VAL A 80 -15.60 6.96 16.76
C VAL A 80 -14.22 7.42 17.19
N ILE A 81 -13.34 7.62 16.22
CA ILE A 81 -11.96 8.02 16.50
C ILE A 81 -11.60 9.34 15.83
N ASN A 82 -11.40 10.38 16.63
CA ASN A 82 -11.02 11.69 16.11
C ASN A 82 -9.56 11.59 15.66
N ILE A 83 -9.29 11.73 14.36
CA ILE A 83 -7.92 11.62 13.86
C ILE A 83 -7.19 12.94 13.65
N LYS A 84 -7.86 14.06 13.92
CA LYS A 84 -7.24 15.36 13.73
C LYS A 84 -5.96 15.57 14.53
N PRO A 85 -5.95 15.16 15.81
CA PRO A 85 -4.71 15.34 16.60
C PRO A 85 -3.51 14.63 15.98
N ILE A 86 -3.72 13.40 15.51
CA ILE A 86 -2.63 12.65 14.89
C ILE A 86 -2.26 13.25 13.53
N VAL A 87 -3.25 13.55 12.72
CA VAL A 87 -3.04 14.15 11.41
C VAL A 87 -2.23 15.45 11.55
N ASP A 88 -2.67 16.33 12.44
CA ASP A 88 -1.97 17.59 12.62
C ASP A 88 -0.56 17.42 13.16
N SER A 89 -0.32 16.33 13.87
CA SER A 89 1.02 16.05 14.39
C SER A 89 1.92 15.70 13.21
N PHE A 90 1.39 14.96 12.25
CA PHE A 90 2.18 14.62 11.07
C PHE A 90 2.55 15.96 10.41
N VAL A 91 1.57 16.85 10.28
CA VAL A 91 1.84 18.14 9.68
C VAL A 91 2.85 18.99 10.48
N GLU A 92 2.74 19.00 11.81
CA GLU A 92 3.67 19.79 12.61
C GLU A 92 5.10 19.26 12.44
N ASN A 93 5.24 17.94 12.33
CA ASN A 93 6.55 17.33 12.14
C ASN A 93 7.06 17.64 10.73
N LEU A 94 6.15 17.79 9.77
CA LEU A 94 6.53 18.10 8.40
C LEU A 94 7.24 19.44 8.32
N GLU A 95 6.68 20.45 8.99
CA GLU A 95 7.25 21.80 9.02
C GLU A 95 7.41 22.40 7.64
N LEU A 96 6.51 22.04 6.74
CA LEU A 96 6.51 22.55 5.39
C LEU A 96 5.06 22.70 5.00
N ASN A 97 4.80 23.50 3.98
CA ASN A 97 3.47 23.66 3.46
C ASN A 97 3.02 22.35 2.87
N LEU A 98 1.72 22.13 2.81
CA LEU A 98 1.15 20.93 2.21
C LEU A 98 -0.21 21.35 1.69
N ASP A 99 -0.53 21.02 0.44
CA ASP A 99 -1.84 21.41 -0.08
C ASP A 99 -2.92 20.48 0.46
N ARG A 100 -4.17 20.81 0.15
CA ARG A 100 -5.30 20.02 0.64
C ARG A 100 -5.28 18.56 0.21
N LYS A 101 -4.71 18.28 -0.97
CA LYS A 101 -4.66 16.90 -1.44
C LYS A 101 -3.63 16.11 -0.62
N GLY A 102 -2.49 16.75 -0.34
CA GLY A 102 -1.47 16.12 0.46
C GLY A 102 -1.98 15.87 1.87
N LEU A 103 -2.72 16.83 2.42
CA LEU A 103 -3.29 16.72 3.76
C LEU A 103 -4.35 15.62 3.80
N GLY A 104 -5.12 15.51 2.72
CA GLY A 104 -6.15 14.50 2.63
C GLY A 104 -5.49 13.14 2.62
N ASN A 105 -4.32 13.06 1.99
CA ASN A 105 -3.58 11.81 1.92
C ASN A 105 -3.14 11.36 3.31
N ILE A 106 -2.76 12.30 4.17
CA ILE A 106 -2.35 11.93 5.52
C ILE A 106 -3.56 11.36 6.28
N MET A 107 -4.71 12.02 6.15
CA MET A 107 -5.94 11.57 6.81
C MET A 107 -6.28 10.11 6.42
N SER A 108 -6.30 9.84 5.12
CA SER A 108 -6.63 8.52 4.58
C SER A 108 -5.62 7.46 5.02
N ARG A 109 -4.35 7.80 5.00
CA ARG A 109 -3.31 6.87 5.42
C ARG A 109 -3.39 6.67 6.93
N THR A 110 -3.78 7.72 7.65
CA THR A 110 -3.93 7.62 9.11
C THR A 110 -5.08 6.66 9.43
N ARG A 111 -6.15 6.74 8.63
CA ARG A 111 -7.27 5.84 8.82
C ARG A 111 -6.81 4.40 8.56
N MET A 112 -5.96 4.22 7.55
CA MET A 112 -5.46 2.89 7.22
C MET A 112 -4.70 2.28 8.40
N ILE A 113 -3.84 3.07 9.04
CA ILE A 113 -3.10 2.57 10.19
C ILE A 113 -4.06 2.18 11.32
N MET A 114 -5.05 3.02 11.57
CA MET A 114 -6.06 2.75 12.60
C MET A 114 -6.80 1.45 12.31
N LEU A 115 -7.24 1.27 11.06
CA LEU A 115 -7.95 0.05 10.68
C LEU A 115 -7.09 -1.19 10.93
N TYR A 116 -5.87 -1.19 10.39
CA TYR A 116 -4.98 -2.33 10.57
C TYR A 116 -4.57 -2.56 12.02
N ALA A 117 -4.43 -1.49 12.80
CA ALA A 117 -4.06 -1.68 14.20
C ALA A 117 -5.20 -2.46 14.90
N HIS A 118 -6.44 -2.10 14.62
CA HIS A 118 -7.57 -2.81 15.23
C HIS A 118 -7.72 -4.24 14.71
N ALA A 119 -7.57 -4.43 13.40
CA ALA A 119 -7.70 -5.76 12.81
C ALA A 119 -6.58 -6.65 13.36
N ASN A 120 -5.37 -6.12 13.43
CA ASN A 120 -4.25 -6.91 13.93
C ASN A 120 -4.52 -7.32 15.40
N SER A 121 -4.95 -6.37 16.22
CA SER A 121 -5.23 -6.68 17.62
C SER A 121 -6.30 -7.74 17.74
N LEU A 122 -7.35 -7.63 16.93
CA LEU A 122 -8.46 -8.57 17.02
C LEU A 122 -8.38 -9.85 16.19
N GLY A 123 -7.29 -10.03 15.45
CA GLY A 123 -7.15 -11.21 14.62
C GLY A 123 -8.14 -11.19 13.48
N ARG A 124 -8.40 -9.99 12.98
CA ARG A 124 -9.36 -9.81 11.89
C ARG A 124 -8.70 -9.25 10.64
N ILE A 125 -9.44 -9.21 9.54
CA ILE A 125 -8.92 -8.67 8.29
C ILE A 125 -9.56 -7.30 8.08
N VAL A 126 -8.98 -6.50 7.19
CA VAL A 126 -9.53 -5.18 6.88
C VAL A 126 -10.22 -5.27 5.52
N LEU A 127 -11.47 -4.83 5.46
CA LEU A 127 -12.21 -4.83 4.20
C LEU A 127 -12.18 -3.43 3.61
N GLY A 128 -11.58 -3.30 2.42
CA GLY A 128 -11.48 -2.01 1.76
C GLY A 128 -12.78 -1.66 1.07
N THR A 129 -13.05 -0.37 0.91
CA THR A 129 -14.31 0.03 0.31
C THR A 129 -14.22 0.77 -1.02
N SER A 130 -13.11 0.57 -1.75
CA SER A 130 -12.94 1.22 -3.05
C SER A 130 -13.77 0.52 -4.14
N ASN A 131 -14.12 1.27 -5.18
CA ASN A 131 -14.89 0.71 -6.29
C ASN A 131 -14.05 0.83 -7.56
N ARG A 132 -14.48 0.16 -8.62
CA ARG A 132 -13.74 0.16 -9.89
C ARG A 132 -13.61 1.55 -10.53
N SER A 133 -14.62 2.40 -10.34
CA SER A 133 -14.58 3.74 -10.91
C SER A 133 -13.38 4.53 -10.35
N GLU A 134 -13.20 4.46 -9.03
CA GLU A 134 -12.08 5.15 -8.38
C GLU A 134 -10.77 4.47 -8.76
N PHE A 135 -10.79 3.14 -8.75
CA PHE A 135 -9.61 2.36 -9.07
C PHE A 135 -9.02 2.67 -10.43
N LEU A 136 -9.86 2.75 -11.45
CA LEU A 136 -9.41 3.05 -12.81
C LEU A 136 -9.03 4.50 -13.05
N THR A 137 -9.58 5.41 -12.24
CA THR A 137 -9.28 6.82 -12.41
C THR A 137 -8.22 7.32 -11.43
N GLY A 138 -7.78 6.44 -10.53
CA GLY A 138 -6.78 6.84 -9.55
C GLY A 138 -7.38 7.76 -8.50
N TYR A 139 -8.70 7.76 -8.39
CA TYR A 139 -9.35 8.60 -7.42
C TYR A 139 -9.35 7.95 -6.05
N PHE A 140 -8.16 7.88 -5.46
CA PHE A 140 -7.98 7.30 -4.14
C PHE A 140 -6.56 7.58 -3.69
N THR A 141 -6.33 7.51 -2.38
CA THR A 141 -5.01 7.76 -1.84
C THR A 141 -4.20 6.48 -1.87
N LYS A 142 -3.02 6.56 -2.47
CA LYS A 142 -2.14 5.41 -2.56
C LYS A 142 -1.70 5.06 -1.15
N TRP A 143 -1.86 3.78 -0.77
CA TRP A 143 -1.47 3.29 0.55
C TRP A 143 -2.37 3.85 1.68
N GLY A 144 -3.45 4.55 1.32
CA GLY A 144 -4.33 5.10 2.34
C GLY A 144 -5.62 4.30 2.41
N ASP A 145 -6.75 4.99 2.36
CA ASP A 145 -8.03 4.31 2.36
C ASP A 145 -7.94 3.53 1.06
N GLY A 146 -8.55 2.36 1.02
CA GLY A 146 -8.48 1.53 -0.17
C GLY A 146 -7.54 0.39 0.14
N ALA A 147 -6.36 0.73 0.65
CA ALA A 147 -5.37 -0.29 0.99
C ALA A 147 -5.98 -1.18 2.06
N SER A 148 -6.17 -2.44 1.73
CA SER A 148 -6.79 -3.38 2.65
C SER A 148 -6.38 -4.80 2.33
N ASP A 149 -7.03 -5.77 2.98
CA ASP A 149 -6.71 -7.17 2.75
C ASP A 149 -7.58 -7.69 1.61
N TYR A 150 -8.83 -7.26 1.60
CA TYR A 150 -9.77 -7.64 0.56
C TYR A 150 -10.69 -6.44 0.27
N ALA A 151 -11.09 -6.28 -0.98
CA ALA A 151 -11.97 -5.18 -1.39
C ALA A 151 -13.18 -5.73 -2.13
N PRO A 152 -14.26 -6.06 -1.39
CA PRO A 152 -15.52 -6.62 -1.88
C PRO A 152 -16.15 -6.00 -3.12
N ILE A 153 -16.05 -4.69 -3.27
CA ILE A 153 -16.66 -4.03 -4.42
C ILE A 153 -15.68 -3.33 -5.35
N ILE A 154 -14.43 -3.77 -5.35
CA ILE A 154 -13.44 -3.12 -6.21
C ILE A 154 -13.74 -3.32 -7.70
N ASN A 155 -14.45 -4.42 -8.01
CA ASN A 155 -14.73 -4.74 -9.39
C ASN A 155 -16.11 -4.25 -9.83
N LEU A 156 -16.72 -3.41 -9.01
CA LEU A 156 -18.03 -2.84 -9.32
C LEU A 156 -17.89 -1.35 -9.60
N TYR A 157 -18.54 -0.89 -10.67
CA TYR A 157 -18.51 0.53 -11.01
C TYR A 157 -19.38 1.27 -10.01
N LYS A 158 -19.21 2.58 -9.93
CA LYS A 158 -19.99 3.39 -9.01
C LYS A 158 -21.49 3.24 -9.24
N THR A 159 -21.91 3.37 -10.49
CA THR A 159 -23.33 3.24 -10.82
C THR A 159 -23.91 1.95 -10.25
N GLU A 160 -23.16 0.87 -10.34
CA GLU A 160 -23.62 -0.41 -9.83
C GLU A 160 -23.64 -0.45 -8.30
N VAL A 161 -22.69 0.23 -7.67
CA VAL A 161 -22.63 0.29 -6.22
C VAL A 161 -23.90 0.93 -5.69
N TRP A 162 -24.33 2.01 -6.33
CA TRP A 162 -25.55 2.70 -5.92
C TRP A 162 -26.78 1.78 -6.02
N GLU A 163 -26.84 0.99 -7.09
CA GLU A 163 -27.96 0.08 -7.31
C GLU A 163 -28.01 -0.99 -6.23
N ILE A 164 -26.84 -1.53 -5.91
CA ILE A 164 -26.73 -2.56 -4.89
C ILE A 164 -27.04 -1.98 -3.52
N ALA A 165 -26.59 -0.75 -3.26
CA ALA A 165 -26.83 -0.10 -1.99
C ALA A 165 -28.33 0.01 -1.72
N LYS A 166 -29.06 0.48 -2.74
CA LYS A 166 -30.51 0.62 -2.62
C LYS A 166 -31.15 -0.73 -2.35
N ARG A 167 -30.73 -1.74 -3.10
CA ARG A 167 -31.28 -3.08 -2.95
C ARG A 167 -31.06 -3.73 -1.59
N ILE A 168 -29.98 -3.37 -0.91
CA ILE A 168 -29.70 -3.98 0.39
C ILE A 168 -30.18 -3.20 1.61
N GLY A 169 -30.75 -2.02 1.40
CA GLY A 169 -31.28 -1.26 2.51
C GLY A 169 -30.44 -0.11 3.05
N VAL A 170 -29.37 0.26 2.35
CA VAL A 170 -28.54 1.37 2.78
C VAL A 170 -29.40 2.63 2.84
N PRO A 171 -29.29 3.41 3.93
CA PRO A 171 -30.08 4.64 4.08
C PRO A 171 -30.15 5.43 2.79
N GLU A 172 -31.38 5.72 2.37
CA GLU A 172 -31.62 6.44 1.11
C GLU A 172 -30.93 7.80 0.98
N ARG A 173 -30.89 8.58 2.05
CA ARG A 173 -30.26 9.87 1.92
C ARG A 173 -28.76 9.71 1.68
N ILE A 174 -28.22 8.55 2.07
CA ILE A 174 -26.82 8.24 1.81
C ILE A 174 -26.63 7.83 0.35
N VAL A 175 -27.45 6.90 -0.11
CA VAL A 175 -27.37 6.43 -1.50
C VAL A 175 -27.51 7.61 -2.45
N LYS A 176 -28.41 8.53 -2.13
CA LYS A 176 -28.65 9.69 -2.97
C LYS A 176 -27.64 10.83 -2.76
N LYS A 177 -26.89 10.76 -1.67
CA LYS A 177 -25.91 11.81 -1.36
C LYS A 177 -24.93 12.05 -2.50
N LYS A 178 -24.51 13.32 -2.63
CA LYS A 178 -23.54 13.71 -3.64
C LYS A 178 -22.21 13.09 -3.21
N PRO A 179 -21.54 12.34 -4.11
CA PRO A 179 -20.26 11.70 -3.80
C PRO A 179 -19.17 12.68 -3.35
N SER A 180 -18.51 12.36 -2.25
CA SER A 180 -17.41 13.17 -1.74
C SER A 180 -16.46 12.34 -0.87
N ALA A 181 -15.17 12.41 -1.21
CA ALA A 181 -14.18 11.68 -0.43
C ALA A 181 -14.00 12.29 0.96
N GLY A 182 -14.38 13.57 1.10
CA GLY A 182 -14.42 14.21 2.41
C GLY A 182 -13.04 14.65 2.90
N LEU A 183 -12.04 14.76 2.02
CA LEU A 183 -10.70 15.17 2.42
C LEU A 183 -10.59 16.65 2.80
N TRP A 184 -11.50 17.46 2.29
CA TRP A 184 -11.53 18.87 2.60
C TRP A 184 -12.94 19.39 2.38
N GLU A 185 -13.30 20.45 3.10
CA GLU A 185 -14.64 21.00 2.98
C GLU A 185 -14.97 21.36 1.53
N GLY A 186 -16.17 20.97 1.10
CA GLY A 186 -16.61 21.27 -0.24
C GLY A 186 -16.10 20.35 -1.34
N GLN A 187 -15.36 19.31 -0.97
CA GLN A 187 -14.84 18.37 -1.97
C GLN A 187 -15.97 17.56 -2.58
N THR A 188 -16.01 17.55 -3.91
CA THR A 188 -17.05 16.81 -4.63
C THR A 188 -16.40 15.99 -5.73
N ASP A 189 -16.59 14.67 -5.67
CA ASP A 189 -16.03 13.74 -6.63
C ASP A 189 -16.22 14.14 -8.09
N GLU A 190 -17.47 14.32 -8.50
CA GLU A 190 -17.79 14.67 -9.86
C GLU A 190 -17.21 16.01 -10.32
N ASP A 191 -17.01 16.93 -9.38
CA ASP A 191 -16.43 18.23 -9.74
C ASP A 191 -14.94 18.06 -9.96
N GLU A 192 -14.32 17.21 -9.15
CA GLU A 192 -12.89 16.96 -9.27
C GLU A 192 -12.59 16.18 -10.54
N LEU A 193 -13.40 15.16 -10.80
CA LEU A 193 -13.22 14.34 -12.00
C LEU A 193 -13.72 15.10 -13.22
N GLY A 194 -14.59 16.07 -13.00
CA GLY A 194 -15.13 16.87 -14.09
C GLY A 194 -16.05 16.06 -14.97
N ILE A 195 -16.93 15.28 -14.34
CA ILE A 195 -17.87 14.44 -15.05
C ILE A 195 -18.68 13.65 -14.03
N SER A 196 -19.89 13.24 -14.39
CA SER A 196 -20.73 12.46 -13.48
C SER A 196 -20.24 11.00 -13.49
N TYR A 197 -20.58 10.25 -12.45
CA TYR A 197 -20.16 8.85 -12.40
C TYR A 197 -20.90 8.02 -13.44
N ASN A 198 -22.12 8.45 -13.78
CA ASN A 198 -22.92 7.74 -14.75
C ASN A 198 -22.22 7.80 -16.10
N LEU A 199 -21.77 9.00 -16.48
CA LEU A 199 -21.09 9.18 -17.75
C LEU A 199 -19.69 8.57 -17.70
N LEU A 200 -19.07 8.59 -16.53
CA LEU A 200 -17.73 8.01 -16.39
C LEU A 200 -17.77 6.49 -16.60
N ASP A 201 -18.64 5.82 -15.86
CA ASP A 201 -18.79 4.38 -15.96
C ASP A 201 -19.08 3.90 -17.39
N GLU A 202 -19.85 4.70 -18.13
CA GLU A 202 -20.17 4.33 -19.50
C GLU A 202 -18.90 4.33 -20.35
N ILE A 203 -18.00 5.26 -20.06
CA ILE A 203 -16.74 5.37 -20.79
C ILE A 203 -15.74 4.29 -20.38
N LEU A 204 -15.58 4.08 -19.08
CA LEU A 204 -14.64 3.08 -18.58
C LEU A 204 -15.05 1.71 -19.10
N TRP A 205 -16.34 1.44 -19.04
CA TRP A 205 -16.89 0.17 -19.49
C TRP A 205 -16.50 -0.10 -20.94
N ARG A 206 -16.70 0.89 -21.80
CA ARG A 206 -16.38 0.75 -23.21
C ARG A 206 -14.89 0.82 -23.52
N MET A 207 -14.17 1.64 -22.76
CA MET A 207 -12.73 1.81 -22.98
C MET A 207 -11.86 0.72 -22.38
N ILE A 208 -12.19 0.25 -21.18
CA ILE A 208 -11.38 -0.77 -20.54
C ILE A 208 -11.87 -2.20 -20.71
N ASP A 209 -13.17 -2.41 -20.49
CA ASP A 209 -13.74 -3.75 -20.61
C ASP A 209 -13.95 -4.21 -22.03
N LEU A 210 -14.47 -3.32 -22.87
CA LEU A 210 -14.74 -3.63 -24.26
C LEU A 210 -13.53 -3.35 -25.15
N LYS A 211 -12.72 -2.37 -24.75
CA LYS A 211 -11.55 -1.97 -25.52
C LYS A 211 -11.97 -1.33 -26.83
N ILE A 212 -12.94 -0.43 -26.73
CA ILE A 212 -13.48 0.28 -27.89
C ILE A 212 -12.79 1.61 -28.11
N GLY A 213 -12.31 1.82 -29.34
CA GLY A 213 -11.61 3.04 -29.69
C GLY A 213 -12.23 4.35 -29.21
N LYS A 214 -11.37 5.33 -28.98
CA LYS A 214 -11.81 6.65 -28.49
C LYS A 214 -12.93 7.22 -29.36
N GLU A 215 -12.76 7.14 -30.68
CA GLU A 215 -13.75 7.66 -31.61
C GLU A 215 -15.10 6.98 -31.50
N GLU A 216 -15.10 5.65 -31.49
CA GLU A 216 -16.34 4.91 -31.38
C GLU A 216 -17.07 5.30 -30.10
N ILE A 217 -16.31 5.53 -29.03
CA ILE A 217 -16.89 5.91 -27.74
C ILE A 217 -17.64 7.23 -27.82
N ALA A 218 -16.93 8.28 -28.22
CA ALA A 218 -17.50 9.61 -28.32
C ALA A 218 -18.83 9.61 -29.07
N LYS A 219 -18.84 9.03 -30.26
CA LYS A 219 -20.05 8.97 -31.06
C LYS A 219 -21.08 7.99 -30.49
N ASP A 220 -20.63 6.79 -30.17
CA ASP A 220 -21.53 5.77 -29.61
C ASP A 220 -22.12 6.21 -28.28
N LEU A 221 -22.08 7.52 -28.02
CA LEU A 221 -22.61 8.08 -26.78
C LEU A 221 -22.94 9.56 -26.94
N GLY A 222 -22.74 10.07 -28.16
CA GLY A 222 -23.01 11.47 -28.42
C GLY A 222 -22.34 12.42 -27.46
N ILE A 223 -21.03 12.26 -27.27
CA ILE A 223 -20.28 13.11 -26.35
C ILE A 223 -18.98 13.60 -26.97
N PRO A 224 -18.52 14.79 -26.57
CA PRO A 224 -17.29 15.36 -27.12
C PRO A 224 -16.10 14.41 -26.93
N LEU A 225 -15.30 14.29 -28.00
CA LEU A 225 -14.12 13.45 -27.91
C LEU A 225 -13.19 13.93 -26.80
N SER A 226 -13.28 15.23 -26.50
CA SER A 226 -12.49 15.79 -25.41
C SER A 226 -12.78 15.05 -24.10
N LEU A 227 -14.07 14.92 -23.78
CA LEU A 227 -14.49 14.24 -22.57
C LEU A 227 -13.91 12.84 -22.55
N VAL A 228 -13.85 12.20 -23.72
CA VAL A 228 -13.31 10.85 -23.82
C VAL A 228 -11.79 10.84 -23.61
N GLU A 229 -11.09 11.81 -24.19
CA GLU A 229 -9.64 11.90 -24.06
C GLU A 229 -9.30 12.18 -22.61
N ARG A 230 -10.16 12.98 -21.96
CA ARG A 230 -9.99 13.34 -20.57
C ARG A 230 -9.92 12.10 -19.71
N VAL A 231 -10.98 11.30 -19.80
CA VAL A 231 -11.09 10.06 -19.05
C VAL A 231 -9.86 9.18 -19.28
N GLU A 232 -9.52 8.98 -20.54
CA GLU A 232 -8.36 8.16 -20.91
C GLU A 232 -7.09 8.69 -20.25
N GLU A 233 -7.05 10.00 -20.02
CA GLU A 233 -5.89 10.64 -19.40
C GLU A 233 -5.83 10.29 -17.91
N LEU A 234 -6.97 10.37 -17.24
CA LEU A 234 -7.04 10.06 -15.82
C LEU A 234 -6.53 8.63 -15.60
N ILE A 235 -6.87 7.74 -16.52
CA ILE A 235 -6.46 6.34 -16.44
C ILE A 235 -4.96 6.17 -16.63
N LYS A 236 -4.40 6.87 -17.62
CA LYS A 236 -2.98 6.79 -17.91
C LYS A 236 -2.15 7.40 -16.77
N LYS A 237 -2.56 8.58 -16.31
CA LYS A 237 -1.85 9.27 -15.23
C LYS A 237 -2.01 8.65 -13.85
N SER A 238 -2.78 7.57 -13.75
CA SER A 238 -2.99 6.92 -12.46
C SER A 238 -2.58 5.46 -12.50
N GLU A 239 -1.94 5.05 -13.60
CA GLU A 239 -1.51 3.68 -13.74
C GLU A 239 -0.54 3.30 -12.62
N HIS A 240 0.20 4.28 -12.12
CA HIS A 240 1.17 4.06 -11.05
C HIS A 240 0.49 3.70 -9.73
N LYS A 241 -0.82 3.94 -9.64
CA LYS A 241 -1.58 3.62 -8.43
C LYS A 241 -2.18 2.22 -8.47
N ARG A 242 -2.07 1.53 -9.61
CA ARG A 242 -2.64 0.19 -9.72
C ARG A 242 -1.58 -0.89 -9.85
N ARG A 243 -0.45 -0.70 -9.19
CA ARG A 243 0.63 -1.67 -9.21
C ARG A 243 1.54 -1.45 -8.01
N LEU A 244 2.18 -2.52 -7.54
CA LEU A 244 3.09 -2.40 -6.40
C LEU A 244 4.36 -1.73 -6.91
N PRO A 245 5.17 -1.17 -6.00
CA PRO A 245 6.42 -0.49 -6.38
C PRO A 245 7.30 -1.33 -7.30
N ILE A 246 7.70 -0.75 -8.43
CA ILE A 246 8.55 -1.46 -9.38
C ILE A 246 10.01 -1.00 -9.29
N GLY A 247 10.91 -1.83 -9.79
CA GLY A 247 12.33 -1.51 -9.80
C GLY A 247 12.91 -2.02 -11.10
N PRO A 248 14.23 -1.90 -11.33
CA PRO A 248 14.93 -2.35 -12.52
C PRO A 248 15.08 -3.88 -12.57
N SER A 249 15.09 -4.47 -13.76
CA SER A 249 15.32 -5.90 -13.93
C SER A 249 16.79 -6.10 -14.29
N PHE A 250 17.29 -7.33 -14.15
CA PHE A 250 18.69 -7.60 -14.46
C PHE A 250 18.90 -8.93 -15.19
N GLU A 251 17.83 -9.44 -15.80
CA GLU A 251 17.90 -10.71 -16.50
C GLU A 251 19.04 -10.79 -17.50
N ASP A 252 19.14 -9.81 -18.40
CA ASP A 252 20.17 -9.82 -19.42
C ASP A 252 21.55 -9.47 -18.83
N LEU A 253 21.59 -9.32 -17.49
CA LEU A 253 22.87 -9.04 -16.83
C LEU A 253 23.37 -10.25 -16.04
N ILE A 254 22.56 -11.33 -16.06
CA ILE A 254 22.98 -12.55 -15.38
C ILE A 254 24.19 -13.18 -16.09
N VAL A 255 25.08 -13.83 -15.35
CA VAL A 255 26.26 -14.43 -15.95
C VAL A 255 26.44 -15.90 -15.56
N GLY A 256 27.26 -16.60 -16.33
CA GLY A 256 27.53 -18.01 -16.08
C GLY A 256 28.59 -18.52 -17.02
N MET B 1 24.55 -20.26 -6.64
CA MET B 1 23.76 -18.99 -6.63
C MET B 1 23.93 -18.28 -7.97
N ARG B 2 22.99 -17.38 -8.27
CA ARG B 2 23.02 -16.61 -9.50
C ARG B 2 24.25 -15.71 -9.55
N ILE B 3 24.75 -15.47 -10.76
CA ILE B 3 25.93 -14.62 -10.94
C ILE B 3 25.53 -13.39 -11.73
N LEU B 4 25.63 -12.23 -11.10
CA LEU B 4 25.26 -10.98 -11.76
C LEU B 4 26.47 -10.16 -12.16
N ASP B 5 26.27 -9.27 -13.13
CA ASP B 5 27.33 -8.38 -13.59
C ASP B 5 27.14 -7.09 -12.78
N TYR B 6 27.66 -7.12 -11.55
CA TYR B 6 27.55 -6.00 -10.63
C TYR B 6 27.82 -4.62 -11.20
N ASP B 7 28.94 -4.45 -11.88
CA ASP B 7 29.27 -3.16 -12.46
C ASP B 7 28.14 -2.66 -13.36
N LYS B 8 27.47 -3.57 -14.05
CA LYS B 8 26.37 -3.20 -14.95
C LYS B 8 25.03 -3.06 -14.22
N VAL B 9 24.85 -3.84 -13.16
CA VAL B 9 23.62 -3.76 -12.37
C VAL B 9 23.58 -2.35 -11.79
N ILE B 10 24.67 -1.95 -11.15
CA ILE B 10 24.79 -0.62 -10.55
C ILE B 10 24.49 0.43 -11.61
N GLU B 11 25.11 0.27 -12.78
CA GLU B 11 24.91 1.23 -13.85
C GLU B 11 23.43 1.32 -14.22
N ARG B 12 22.75 0.17 -14.27
CA ARG B 12 21.34 0.18 -14.62
C ARG B 12 20.50 0.83 -13.53
N ILE B 13 20.84 0.57 -12.27
CA ILE B 13 20.10 1.17 -11.16
C ILE B 13 20.23 2.69 -11.19
N LEU B 14 21.46 3.18 -11.40
CA LEU B 14 21.69 4.61 -11.47
C LEU B 14 20.86 5.24 -12.59
N GLU B 15 20.82 4.57 -13.73
CA GLU B 15 20.05 5.09 -14.86
C GLU B 15 18.57 5.10 -14.51
N PHE B 16 18.13 4.05 -13.82
CA PHE B 16 16.72 3.95 -13.41
C PHE B 16 16.37 5.13 -12.52
N ILE B 17 17.24 5.43 -11.57
CA ILE B 17 16.99 6.54 -10.64
C ILE B 17 17.01 7.90 -11.36
N ARG B 18 17.98 8.11 -12.25
CA ARG B 18 18.09 9.37 -12.98
C ARG B 18 16.83 9.62 -13.81
N GLU B 19 16.19 8.53 -14.22
CA GLU B 19 14.98 8.59 -15.03
C GLU B 19 13.71 8.82 -14.23
N LYS B 20 13.57 8.11 -13.11
CA LYS B 20 12.38 8.23 -12.28
C LYS B 20 12.36 9.41 -11.30
N GLY B 21 13.53 9.80 -10.81
CA GLY B 21 13.56 10.89 -9.85
C GLY B 21 14.41 12.10 -10.17
N ASN B 22 14.21 12.67 -11.36
CA ASN B 22 14.96 13.84 -11.77
C ASN B 22 14.60 15.05 -10.93
N ASN B 23 13.36 15.07 -10.43
CA ASN B 23 12.88 16.18 -9.61
C ASN B 23 13.19 16.02 -8.12
N GLY B 24 14.10 15.12 -7.78
CA GLY B 24 14.45 14.90 -6.39
C GLY B 24 13.73 13.71 -5.77
N VAL B 25 14.31 13.18 -4.70
CA VAL B 25 13.72 12.02 -4.03
C VAL B 25 13.81 12.14 -2.51
N VAL B 26 12.94 11.39 -1.83
CA VAL B 26 12.91 11.35 -0.37
C VAL B 26 13.10 9.86 -0.04
N ILE B 27 14.03 9.57 0.87
CA ILE B 27 14.33 8.19 1.24
C ILE B 27 14.35 8.03 2.76
N GLY B 28 13.81 6.91 3.23
CA GLY B 28 13.80 6.63 4.65
C GLY B 28 15.14 5.97 4.97
N ILE B 29 15.96 6.61 5.78
CA ILE B 29 17.25 6.02 6.14
C ILE B 29 17.22 5.53 7.59
N SER B 30 17.48 4.22 7.77
CA SER B 30 17.29 3.64 9.09
C SER B 30 18.59 3.11 9.70
N GLY B 31 19.71 3.27 8.97
CA GLY B 31 20.97 2.76 9.49
C GLY B 31 21.18 1.28 9.14
N GLY B 32 20.31 0.76 8.26
CA GLY B 32 20.49 -0.59 7.74
C GLY B 32 21.14 -0.54 6.35
N VAL B 33 21.56 -1.74 5.86
CA VAL B 33 22.31 -1.76 4.60
C VAL B 33 21.44 -1.47 3.37
N ASP B 34 20.17 -1.88 3.37
CA ASP B 34 19.34 -1.63 2.20
C ASP B 34 19.09 -0.14 1.99
N SER B 35 18.57 0.54 3.01
CA SER B 35 18.29 1.96 2.86
C SER B 35 19.60 2.72 2.61
N ALA B 36 20.68 2.25 3.21
CA ALA B 36 21.99 2.88 2.99
C ALA B 36 22.36 2.73 1.52
N THR B 37 22.23 1.51 0.99
CA THR B 37 22.55 1.25 -0.41
C THR B 37 21.73 2.09 -1.38
N VAL B 38 20.43 2.20 -1.11
CA VAL B 38 19.58 3.00 -1.98
C VAL B 38 19.98 4.47 -1.87
N ALA B 39 20.34 4.91 -0.66
CA ALA B 39 20.76 6.29 -0.45
C ALA B 39 22.05 6.58 -1.24
N TYR B 40 22.99 5.65 -1.19
CA TYR B 40 24.24 5.80 -1.93
C TYR B 40 23.98 5.83 -3.43
N LEU B 41 23.18 4.90 -3.92
CA LEU B 41 22.86 4.84 -5.34
C LEU B 41 22.14 6.11 -5.80
N ALA B 42 21.18 6.58 -5.00
CA ALA B 42 20.41 7.76 -5.35
C ALA B 42 21.29 9.00 -5.41
N THR B 43 22.19 9.11 -4.44
CA THR B 43 23.10 10.24 -4.34
C THR B 43 24.04 10.28 -5.54
N LYS B 44 24.63 9.13 -5.83
CA LYS B 44 25.57 9.04 -6.95
C LYS B 44 24.84 9.30 -8.27
N ALA B 45 23.55 8.97 -8.31
CA ALA B 45 22.77 9.12 -9.53
C ALA B 45 22.15 10.50 -9.79
N LEU B 46 21.76 11.19 -8.73
CA LEU B 46 21.10 12.49 -8.88
C LEU B 46 21.84 13.67 -8.28
N GLY B 47 22.82 13.41 -7.43
CA GLY B 47 23.54 14.49 -6.78
C GLY B 47 22.93 14.62 -5.40
N LYS B 48 23.75 14.91 -4.41
CA LYS B 48 23.27 15.01 -3.03
C LYS B 48 22.18 16.07 -2.78
N GLU B 49 22.09 17.08 -3.64
CA GLU B 49 21.09 18.12 -3.44
C GLU B 49 19.69 17.67 -3.86
N LYS B 50 19.60 16.48 -4.43
CA LYS B 50 18.31 15.95 -4.86
C LYS B 50 17.85 14.80 -3.98
N VAL B 51 18.62 14.51 -2.93
CA VAL B 51 18.29 13.42 -2.01
C VAL B 51 18.01 13.90 -0.58
N LEU B 52 16.78 13.69 -0.11
CA LEU B 52 16.44 14.07 1.26
C LEU B 52 16.25 12.78 2.03
N GLY B 53 16.99 12.66 3.14
CA GLY B 53 16.89 11.46 3.95
C GLY B 53 16.17 11.70 5.26
N LEU B 54 15.13 10.91 5.52
CA LEU B 54 14.41 11.04 6.77
C LEU B 54 14.85 9.89 7.67
N ILE B 55 15.35 10.24 8.85
CA ILE B 55 15.79 9.25 9.83
C ILE B 55 14.66 9.30 10.86
N MET B 56 13.91 8.21 10.99
CA MET B 56 12.74 8.19 11.86
C MET B 56 12.77 7.10 12.95
N PRO B 57 13.52 7.36 14.04
CA PRO B 57 13.64 6.40 15.12
C PRO B 57 12.40 6.35 16.04
N TYR B 58 12.13 5.13 16.52
CA TYR B 58 11.20 4.95 17.63
C TYR B 58 12.00 4.67 18.90
N PHE B 59 12.98 3.75 18.74
CA PHE B 59 13.94 3.48 19.79
C PHE B 59 15.15 4.41 19.70
N GLU B 60 15.83 4.57 20.82
CA GLU B 60 17.05 5.35 20.90
C GLU B 60 18.21 4.36 21.02
N ASN B 61 18.76 3.96 19.88
CA ASN B 61 19.85 2.98 19.92
C ASN B 61 20.98 3.31 18.93
N LYS B 62 21.87 2.34 18.72
CA LYS B 62 23.03 2.50 17.84
C LYS B 62 22.51 2.74 16.43
N ASP B 63 21.39 2.10 16.12
CA ASP B 63 20.76 2.21 14.82
C ASP B 63 20.75 3.66 14.31
N VAL B 64 20.28 4.58 15.15
CA VAL B 64 20.21 5.99 14.77
C VAL B 64 21.59 6.53 14.42
N GLU B 65 22.61 5.99 15.06
CA GLU B 65 24.00 6.40 14.82
C GLU B 65 24.40 6.11 13.38
N ASP B 66 24.20 4.87 12.96
CA ASP B 66 24.56 4.46 11.60
C ASP B 66 23.79 5.25 10.55
N ALA B 67 22.52 5.55 10.86
CA ALA B 67 21.70 6.33 9.93
C ALA B 67 22.33 7.70 9.69
N LYS B 68 22.73 8.37 10.76
CA LYS B 68 23.34 9.70 10.68
C LYS B 68 24.65 9.66 9.88
N LEU B 69 25.45 8.63 10.11
CA LEU B 69 26.72 8.47 9.42
C LEU B 69 26.50 8.45 7.92
N VAL B 70 25.56 7.61 7.49
CA VAL B 70 25.22 7.48 6.08
C VAL B 70 24.85 8.86 5.53
N ALA B 71 24.03 9.59 6.27
CA ALA B 71 23.61 10.92 5.83
C ALA B 71 24.80 11.89 5.84
N GLU B 72 25.70 11.73 6.81
CA GLU B 72 26.87 12.61 6.90
C GLU B 72 27.86 12.39 5.76
N LYS B 73 28.15 11.13 5.46
CA LYS B 73 29.09 10.79 4.39
C LYS B 73 28.61 11.27 3.02
N LEU B 74 27.31 11.17 2.79
CA LEU B 74 26.72 11.57 1.52
C LEU B 74 26.56 13.07 1.36
N GLY B 75 26.39 13.77 2.48
CA GLY B 75 26.23 15.21 2.42
C GLY B 75 24.86 15.61 1.93
N ILE B 76 23.91 14.68 1.99
CA ILE B 76 22.54 14.94 1.57
C ILE B 76 21.83 15.68 2.69
N GLY B 77 20.71 16.31 2.37
CA GLY B 77 19.96 16.97 3.41
C GLY B 77 19.33 15.84 4.21
N TYR B 78 19.11 16.03 5.51
CA TYR B 78 18.47 14.99 6.28
C TYR B 78 17.73 15.56 7.48
N LYS B 79 16.76 14.80 7.96
CA LYS B 79 15.94 15.25 9.07
C LYS B 79 15.69 14.07 9.99
N VAL B 80 15.90 14.27 11.30
CA VAL B 80 15.67 13.22 12.28
C VAL B 80 14.30 13.50 12.90
N ILE B 81 13.40 12.54 12.75
CA ILE B 81 12.03 12.69 13.27
C ILE B 81 11.72 11.57 14.26
N ASN B 82 11.53 11.93 15.52
CA ASN B 82 11.20 10.94 16.54
C ASN B 82 9.73 10.57 16.30
N ILE B 83 9.47 9.31 15.93
CA ILE B 83 8.09 8.89 15.66
C ILE B 83 7.33 8.25 16.83
N LYS B 84 7.99 8.09 17.98
CA LYS B 84 7.35 7.46 19.13
C LYS B 84 6.07 8.17 19.61
N PRO B 85 6.09 9.51 19.70
CA PRO B 85 4.87 10.20 20.14
C PRO B 85 3.68 9.85 19.25
N ILE B 86 3.88 9.84 17.93
CA ILE B 86 2.80 9.53 17.01
C ILE B 86 2.40 8.05 17.08
N VAL B 87 3.39 7.17 17.14
CA VAL B 87 3.13 5.74 17.22
C VAL B 87 2.36 5.43 18.52
N ASP B 88 2.79 6.01 19.63
CA ASP B 88 2.13 5.76 20.89
C ASP B 88 0.71 6.32 20.90
N SER B 89 0.47 7.40 20.15
CA SER B 89 -0.88 7.95 20.08
C SER B 89 -1.82 6.99 19.36
N PHE B 90 -1.32 6.32 18.33
CA PHE B 90 -2.12 5.33 17.60
C PHE B 90 -2.51 4.24 18.58
N VAL B 91 -1.52 3.77 19.33
CA VAL B 91 -1.73 2.73 20.33
C VAL B 91 -2.74 3.19 21.38
N GLU B 92 -2.63 4.44 21.83
CA GLU B 92 -3.56 4.98 22.83
C GLU B 92 -4.99 5.00 22.33
N ASN B 93 -5.16 5.33 21.06
CA ASN B 93 -6.48 5.35 20.45
C ASN B 93 -6.97 3.91 20.29
N LEU B 94 -6.04 2.99 20.02
CA LEU B 94 -6.40 1.59 19.86
C LEU B 94 -7.11 1.05 21.11
N GLU B 95 -6.54 1.32 22.27
CA GLU B 95 -7.12 0.89 23.55
C GLU B 95 -7.26 -0.62 23.66
N LEU B 96 -6.39 -1.32 22.96
CA LEU B 96 -6.40 -2.77 22.97
C LEU B 96 -4.93 -3.15 22.99
N ASN B 97 -4.70 -4.43 23.23
CA ASN B 97 -3.36 -4.96 23.23
C ASN B 97 -2.89 -5.07 21.80
N LEU B 98 -1.57 -5.02 21.60
CA LEU B 98 -0.99 -5.17 20.27
C LEU B 98 0.35 -5.85 20.49
N ASP B 99 0.62 -6.94 19.78
CA ASP B 99 1.90 -7.60 19.98
C ASP B 99 3.00 -6.77 19.33
N ARG B 100 4.26 -7.18 19.51
CA ARG B 100 5.36 -6.41 18.95
C ARG B 100 5.32 -6.24 17.44
N LYS B 101 4.86 -7.26 16.72
CA LYS B 101 4.79 -7.15 15.26
C LYS B 101 3.72 -6.13 14.84
N GLY B 102 2.60 -6.10 15.54
CA GLY B 102 1.55 -5.16 15.23
C GLY B 102 2.06 -3.74 15.48
N LEU B 103 2.77 -3.56 16.59
CA LEU B 103 3.34 -2.26 16.94
C LEU B 103 4.41 -1.89 15.93
N GLY B 104 5.19 -2.88 15.51
CA GLY B 104 6.22 -2.63 14.51
C GLY B 104 5.59 -2.16 13.21
N ASN B 105 4.40 -2.66 12.90
CA ASN B 105 3.71 -2.26 11.69
C ASN B 105 3.24 -0.81 11.77
N ILE B 106 2.85 -0.36 12.97
CA ILE B 106 2.41 1.02 13.11
C ILE B 106 3.62 1.93 12.84
N MET B 107 4.78 1.50 13.33
CA MET B 107 6.02 2.27 13.13
C MET B 107 6.34 2.42 11.65
N SER B 108 6.33 1.30 10.94
CA SER B 108 6.63 1.27 9.51
C SER B 108 5.63 2.11 8.71
N ARG B 109 4.34 1.98 9.01
CA ARG B 109 3.34 2.75 8.30
C ARG B 109 3.45 4.23 8.61
N THR B 110 3.77 4.57 9.87
CA THR B 110 3.95 5.98 10.26
C THR B 110 5.12 6.59 9.47
N ARG B 111 6.16 5.81 9.25
CA ARG B 111 7.29 6.32 8.49
C ARG B 111 6.85 6.54 7.04
N MET B 112 6.01 5.65 6.52
CA MET B 112 5.52 5.78 5.15
C MET B 112 4.79 7.12 4.99
N ILE B 113 3.93 7.44 5.96
CA ILE B 113 3.19 8.70 5.92
C ILE B 113 4.12 9.90 5.94
N MET B 114 5.14 9.84 6.80
CA MET B 114 6.13 10.90 6.92
C MET B 114 6.84 11.08 5.58
N LEU B 115 7.28 9.98 5.01
CA LEU B 115 7.99 10.01 3.72
C LEU B 115 7.17 10.66 2.61
N TYR B 116 5.91 10.27 2.49
CA TYR B 116 5.02 10.84 1.46
C TYR B 116 4.61 12.28 1.75
N ALA B 117 4.56 12.65 3.03
CA ALA B 117 4.19 14.02 3.38
C ALA B 117 5.29 14.96 2.88
N HIS B 118 6.55 14.59 3.12
CA HIS B 118 7.67 15.40 2.64
C HIS B 118 7.77 15.38 1.11
N ALA B 119 7.66 14.15 0.56
CA ALA B 119 7.68 14.03 -0.90
C ALA B 119 6.58 14.87 -1.56
N ASN B 120 5.36 14.73 -1.01
CA ASN B 120 4.23 15.50 -1.56
C ASN B 120 4.47 17.02 -1.45
N SER B 121 5.02 17.45 -0.30
CA SER B 121 5.27 18.88 -0.10
C SER B 121 6.34 19.41 -1.08
N LEU B 122 7.41 18.60 -1.27
CA LEU B 122 8.54 19.03 -2.10
C LEU B 122 8.40 18.64 -3.57
N GLY B 123 7.32 17.97 -3.94
CA GLY B 123 7.13 17.58 -5.32
C GLY B 123 8.14 16.53 -5.74
N ARG B 124 8.43 15.60 -4.85
CA ARG B 124 9.40 14.55 -5.10
C ARG B 124 8.77 13.16 -5.01
N ILE B 125 9.56 12.14 -5.32
CA ILE B 125 9.08 10.78 -5.24
C ILE B 125 9.74 10.08 -4.08
N VAL B 126 9.09 9.02 -3.60
CA VAL B 126 9.63 8.23 -2.50
C VAL B 126 10.26 6.96 -3.06
N LEU B 127 11.52 6.71 -2.69
CA LEU B 127 12.23 5.52 -3.14
C LEU B 127 12.18 4.46 -2.05
N GLY B 128 11.56 3.32 -2.35
CA GLY B 128 11.49 2.24 -1.38
C GLY B 128 12.81 1.51 -1.28
N THR B 129 13.04 0.84 -0.15
CA THR B 129 14.31 0.16 0.06
C THR B 129 14.21 -1.35 0.29
N SER B 130 13.11 -1.95 -0.13
CA SER B 130 12.92 -3.39 0.01
C SER B 130 13.72 -4.14 -1.05
N ASN B 131 14.16 -5.35 -0.72
CA ASN B 131 14.91 -6.18 -1.65
C ASN B 131 14.08 -7.43 -1.95
N ARG B 132 14.47 -8.18 -2.99
CA ARG B 132 13.73 -9.37 -3.39
C ARG B 132 13.59 -10.45 -2.32
N SER B 133 14.61 -10.60 -1.48
CA SER B 133 14.58 -11.60 -0.44
C SER B 133 13.43 -11.32 0.52
N GLU B 134 13.28 -10.05 0.90
CA GLU B 134 12.22 -9.62 1.79
C GLU B 134 10.88 -9.75 1.08
N PHE B 135 10.87 -9.32 -0.18
CA PHE B 135 9.67 -9.35 -1.01
C PHE B 135 9.07 -10.74 -1.17
N LEU B 136 9.93 -11.73 -1.43
CA LEU B 136 9.45 -13.10 -1.63
C LEU B 136 9.01 -13.80 -0.37
N THR B 137 9.59 -13.44 0.76
CA THR B 137 9.24 -14.08 2.03
C THR B 137 8.19 -13.29 2.81
N GLY B 138 7.77 -12.15 2.26
CA GLY B 138 6.79 -11.33 2.95
C GLY B 138 7.37 -10.69 4.20
N TYR B 139 8.70 -10.56 4.26
CA TYR B 139 9.32 -9.97 5.43
C TYR B 139 9.40 -8.45 5.35
N PHE B 140 8.23 -7.82 5.41
CA PHE B 140 8.11 -6.37 5.36
C PHE B 140 6.70 -6.04 5.80
N THR B 141 6.45 -4.77 6.07
CA THR B 141 5.13 -4.35 6.51
C THR B 141 4.24 -3.99 5.32
N LYS B 142 3.08 -4.60 5.25
CA LYS B 142 2.16 -4.30 4.17
C LYS B 142 1.77 -2.82 4.30
N TRP B 143 1.88 -2.08 3.20
CA TRP B 143 1.54 -0.66 3.17
C TRP B 143 2.51 0.15 4.03
N GLY B 144 3.57 -0.49 4.52
CA GLY B 144 4.56 0.22 5.32
C GLY B 144 5.77 0.64 4.48
N ASP B 145 6.96 0.18 4.92
CA ASP B 145 8.16 0.46 4.14
C ASP B 145 8.07 -0.17 2.75
N GLY B 146 7.20 -1.20 2.64
CA GLY B 146 7.00 -1.84 1.35
C GLY B 146 6.13 -1.00 0.43
N ALA B 147 5.96 0.29 0.82
CA ALA B 147 5.16 1.19 -0.01
C ALA B 147 5.95 2.44 -0.41
N SER B 148 6.12 2.63 -1.71
CA SER B 148 6.87 3.76 -2.24
C SER B 148 6.51 3.92 -3.70
N ASP B 149 7.12 4.89 -4.36
CA ASP B 149 6.85 5.14 -5.77
C ASP B 149 7.70 4.25 -6.67
N TYR B 150 8.90 3.91 -6.20
CA TYR B 150 9.83 3.04 -6.94
C TYR B 150 10.75 2.38 -5.93
N ALA B 151 11.09 1.12 -6.19
CA ALA B 151 11.97 0.36 -5.31
C ALA B 151 13.13 -0.14 -6.16
N PRO B 152 14.22 0.64 -6.23
CA PRO B 152 15.43 0.36 -7.00
C PRO B 152 16.14 -0.98 -6.82
N ILE B 153 16.08 -1.56 -5.62
CA ILE B 153 16.73 -2.83 -5.38
C ILE B 153 15.76 -3.97 -5.08
N ILE B 154 14.49 -3.76 -5.38
CA ILE B 154 13.50 -4.78 -5.03
C ILE B 154 13.73 -6.09 -5.79
N ASN B 155 14.48 -6.00 -6.90
CA ASN B 155 14.68 -7.18 -7.73
C ASN B 155 16.05 -7.83 -7.53
N LEU B 156 16.73 -7.34 -6.49
CA LEU B 156 18.04 -7.86 -6.11
C LEU B 156 17.89 -8.59 -4.78
N TYR B 157 18.49 -9.78 -4.70
CA TYR B 157 18.45 -10.58 -3.48
C TYR B 157 19.32 -9.92 -2.42
N LYS B 158 19.06 -10.23 -1.16
CA LYS B 158 19.82 -9.65 -0.06
C LYS B 158 21.33 -9.85 -0.21
N THR B 159 21.73 -11.03 -0.65
CA THR B 159 23.14 -11.33 -0.82
C THR B 159 23.77 -10.41 -1.86
N GLU B 160 23.01 -10.06 -2.89
CA GLU B 160 23.52 -9.19 -3.95
C GLU B 160 23.58 -7.74 -3.48
N VAL B 161 22.64 -7.36 -2.62
CA VAL B 161 22.62 -6.00 -2.09
C VAL B 161 23.87 -5.76 -1.25
N TRP B 162 24.25 -6.75 -0.44
CA TRP B 162 25.45 -6.63 0.38
C TRP B 162 26.68 -6.39 -0.48
N GLU B 163 26.78 -7.16 -1.57
CA GLU B 163 27.90 -7.03 -2.49
C GLU B 163 27.93 -5.64 -3.08
N ILE B 164 26.78 -5.17 -3.55
CA ILE B 164 26.69 -3.85 -4.15
C ILE B 164 26.99 -2.75 -3.12
N ALA B 165 26.61 -3.00 -1.88
CA ALA B 165 26.84 -2.04 -0.79
C ALA B 165 28.33 -1.78 -0.64
N LYS B 166 29.13 -2.83 -0.76
CA LYS B 166 30.58 -2.72 -0.64
C LYS B 166 31.18 -1.95 -1.81
N ARG B 167 30.76 -2.31 -3.02
CA ARG B 167 31.26 -1.67 -4.23
C ARG B 167 31.00 -0.18 -4.34
N ILE B 168 29.85 0.29 -3.86
CA ILE B 168 29.56 1.71 -3.94
C ILE B 168 30.12 2.50 -2.76
N GLY B 169 30.69 1.77 -1.80
CA GLY B 169 31.29 2.43 -0.66
C GLY B 169 30.43 2.65 0.57
N VAL B 170 29.45 1.79 0.80
CA VAL B 170 28.62 1.94 1.99
C VAL B 170 29.53 1.59 3.16
N PRO B 171 29.36 2.28 4.31
CA PRO B 171 30.20 2.01 5.48
C PRO B 171 30.32 0.51 5.73
N GLU B 172 31.51 0.07 6.09
CA GLU B 172 31.77 -1.35 6.34
C GLU B 172 31.00 -1.97 7.49
N ARG B 173 30.95 -1.29 8.63
CA ARG B 173 30.24 -1.81 9.78
C ARG B 173 28.75 -1.99 9.50
N ILE B 174 28.22 -1.18 8.58
CA ILE B 174 26.81 -1.28 8.22
C ILE B 174 26.64 -2.49 7.30
N VAL B 175 27.52 -2.59 6.31
CA VAL B 175 27.48 -3.70 5.36
C VAL B 175 27.63 -5.02 6.10
N LYS B 176 28.46 -5.03 7.14
CA LYS B 176 28.70 -6.24 7.92
C LYS B 176 27.70 -6.45 9.05
N LYS B 177 27.11 -5.37 9.53
CA LYS B 177 26.13 -5.46 10.61
C LYS B 177 25.10 -6.55 10.32
N LYS B 178 24.59 -7.18 11.38
CA LYS B 178 23.60 -8.24 11.22
C LYS B 178 22.23 -7.65 10.88
N PRO B 179 21.58 -8.16 9.82
CA PRO B 179 20.26 -7.72 9.35
C PRO B 179 19.17 -7.67 10.43
N SER B 180 18.45 -6.55 10.48
CA SER B 180 17.37 -6.35 11.42
C SER B 180 16.39 -5.27 10.94
N ALA B 181 15.10 -5.58 11.04
CA ALA B 181 14.09 -4.60 10.66
C ALA B 181 13.95 -3.50 11.71
N GLY B 182 14.50 -3.80 12.91
CA GLY B 182 14.56 -2.78 13.95
C GLY B 182 13.16 -2.44 14.50
N LEU B 183 12.16 -3.24 14.22
CA LEU B 183 10.80 -2.97 14.69
C LEU B 183 10.63 -3.28 16.18
N TRP B 184 11.59 -3.99 16.74
CA TRP B 184 11.57 -4.32 18.16
C TRP B 184 12.96 -4.75 18.59
N GLU B 185 13.39 -4.24 19.73
CA GLU B 185 14.70 -4.53 20.29
C GLU B 185 15.05 -6.01 20.30
N GLY B 186 16.23 -6.34 19.79
CA GLY B 186 16.66 -7.74 19.74
C GLY B 186 16.22 -8.48 18.49
N GLN B 187 15.40 -7.84 17.67
CA GLN B 187 14.90 -8.45 16.45
C GLN B 187 16.02 -8.74 15.45
N THR B 188 15.98 -9.93 14.86
CA THR B 188 16.97 -10.34 13.88
C THR B 188 16.28 -11.05 12.71
N ASP B 189 16.55 -10.58 11.50
CA ASP B 189 15.94 -11.16 10.30
C ASP B 189 16.22 -12.66 10.24
N GLU B 190 17.50 -13.02 10.12
CA GLU B 190 17.90 -14.42 10.05
C GLU B 190 17.30 -15.23 11.19
N ASP B 191 17.44 -14.73 12.41
CA ASP B 191 16.89 -15.43 13.58
C ASP B 191 15.37 -15.55 13.53
N GLU B 192 14.71 -14.58 12.88
CA GLU B 192 13.26 -14.60 12.77
C GLU B 192 12.77 -15.40 11.58
N LEU B 193 13.58 -15.45 10.52
CA LEU B 193 13.21 -16.20 9.31
C LEU B 193 13.64 -17.67 9.42
N GLY B 194 14.46 -17.97 10.43
CA GLY B 194 14.93 -19.33 10.61
C GLY B 194 15.78 -19.81 9.44
N ILE B 195 16.73 -18.97 9.04
CA ILE B 195 17.63 -19.28 7.93
C ILE B 195 18.45 -18.05 7.58
N SER B 196 19.69 -18.27 7.13
CA SER B 196 20.56 -17.18 6.75
C SER B 196 20.17 -16.69 5.36
N TYR B 197 20.42 -15.42 5.08
CA TYR B 197 20.08 -14.88 3.77
C TYR B 197 20.85 -15.62 2.68
N ASN B 198 22.06 -16.03 3.01
CA ASN B 198 22.86 -16.70 2.00
C ASN B 198 22.17 -17.97 1.54
N LEU B 199 21.72 -18.82 2.46
CA LEU B 199 21.01 -20.03 2.12
C LEU B 199 19.64 -19.69 1.55
N LEU B 200 18.94 -18.77 2.21
CA LEU B 200 17.61 -18.35 1.76
C LEU B 200 17.64 -17.99 0.29
N ASP B 201 18.58 -17.16 -0.11
CA ASP B 201 18.69 -16.73 -1.50
C ASP B 201 18.94 -17.89 -2.44
N GLU B 202 19.77 -18.84 -2.02
CA GLU B 202 20.05 -20.02 -2.85
C GLU B 202 18.73 -20.71 -3.19
N ILE B 203 17.90 -20.88 -2.18
CA ILE B 203 16.61 -21.53 -2.35
C ILE B 203 15.64 -20.72 -3.19
N LEU B 204 15.45 -19.45 -2.82
CA LEU B 204 14.56 -18.55 -3.55
C LEU B 204 14.87 -18.57 -5.03
N TRP B 205 16.14 -18.29 -5.36
CA TRP B 205 16.60 -18.26 -6.74
C TRP B 205 16.18 -19.52 -7.49
N ARG B 206 16.43 -20.67 -6.87
CA ARG B 206 16.10 -21.96 -7.49
C ARG B 206 14.61 -22.26 -7.50
N MET B 207 13.95 -22.03 -6.36
CA MET B 207 12.52 -22.30 -6.23
C MET B 207 11.63 -21.39 -7.07
N ILE B 208 11.99 -20.11 -7.18
CA ILE B 208 11.18 -19.17 -7.93
C ILE B 208 11.69 -18.82 -9.33
N ASP B 209 12.97 -18.49 -9.44
CA ASP B 209 13.54 -18.14 -10.74
C ASP B 209 13.68 -19.33 -11.67
N LEU B 210 14.40 -20.36 -11.21
CA LEU B 210 14.62 -21.55 -12.01
C LEU B 210 13.43 -22.54 -11.99
N LYS B 211 12.50 -22.32 -11.06
CA LYS B 211 11.33 -23.18 -10.94
C LYS B 211 11.71 -24.65 -10.71
N ILE B 212 12.80 -24.87 -10.00
CA ILE B 212 13.25 -26.22 -9.71
C ILE B 212 12.47 -26.80 -8.53
N GLY B 213 12.16 -28.08 -8.60
CA GLY B 213 11.42 -28.73 -7.53
C GLY B 213 12.18 -28.73 -6.22
N LYS B 214 11.44 -28.66 -5.11
CA LYS B 214 12.05 -28.63 -3.79
C LYS B 214 12.89 -29.89 -3.55
N GLU B 215 12.51 -30.98 -4.20
CA GLU B 215 13.23 -32.24 -4.05
C GLU B 215 14.68 -32.10 -4.50
N GLU B 216 14.89 -31.71 -5.75
CA GLU B 216 16.25 -31.55 -6.25
C GLU B 216 16.94 -30.43 -5.49
N ILE B 217 16.20 -29.36 -5.20
CA ILE B 217 16.79 -28.24 -4.48
C ILE B 217 17.43 -28.75 -3.20
N ALA B 218 16.63 -29.50 -2.42
CA ALA B 218 17.18 -30.09 -1.22
C ALA B 218 18.41 -30.96 -1.54
N LYS B 219 18.43 -31.48 -2.79
CA LYS B 219 19.54 -32.33 -3.22
C LYS B 219 20.78 -31.49 -3.61
N ASP B 220 20.63 -30.64 -4.62
CA ASP B 220 21.75 -29.82 -5.09
C ASP B 220 22.37 -28.99 -3.97
N LEU B 221 21.78 -29.01 -2.79
CA LEU B 221 22.28 -28.22 -1.65
C LEU B 221 22.96 -29.08 -0.56
N GLY B 222 22.13 -29.87 0.13
CA GLY B 222 22.62 -30.61 1.29
C GLY B 222 21.86 -30.20 2.57
N ILE B 223 20.65 -29.67 2.35
CA ILE B 223 19.80 -29.27 3.47
C ILE B 223 18.52 -30.12 3.54
N PRO B 224 17.96 -30.33 4.75
CA PRO B 224 16.75 -31.11 4.90
C PRO B 224 15.60 -30.55 4.06
N LEU B 225 14.87 -31.46 3.40
CA LEU B 225 13.74 -31.03 2.59
C LEU B 225 12.74 -30.21 3.42
N SER B 226 12.89 -30.32 4.75
CA SER B 226 12.00 -29.59 5.64
C SER B 226 12.35 -28.10 5.67
N LEU B 227 13.63 -27.76 5.56
CA LEU B 227 14.05 -26.37 5.56
C LEU B 227 13.65 -25.74 4.22
N VAL B 228 13.64 -26.57 3.18
CA VAL B 228 13.27 -26.10 1.85
C VAL B 228 11.77 -25.84 1.77
N GLU B 229 10.99 -26.60 2.53
CA GLU B 229 9.54 -26.42 2.54
C GLU B 229 9.23 -25.18 3.38
N ARG B 230 10.06 -24.95 4.39
CA ARG B 230 9.89 -23.80 5.28
C ARG B 230 9.90 -22.51 4.47
N VAL B 231 10.71 -22.48 3.41
CA VAL B 231 10.76 -21.31 2.53
C VAL B 231 9.54 -21.25 1.63
N GLU B 232 9.22 -22.40 1.02
CA GLU B 232 7.98 -22.49 0.26
C GLU B 232 6.80 -22.03 1.11
N GLU B 233 6.90 -22.33 2.42
CA GLU B 233 5.88 -21.90 3.37
C GLU B 233 5.80 -20.37 3.44
N LEU B 234 6.92 -19.73 3.76
CA LEU B 234 7.00 -18.29 3.88
C LEU B 234 6.51 -17.57 2.63
N ILE B 235 6.75 -18.17 1.48
CA ILE B 235 6.32 -17.57 0.21
C ILE B 235 4.82 -17.62 0.01
N LYS B 236 4.23 -18.80 0.18
CA LYS B 236 2.80 -18.97 -0.01
C LYS B 236 1.95 -18.15 0.96
N LYS B 237 2.38 -18.05 2.21
CA LYS B 237 1.63 -17.29 3.21
C LYS B 237 1.77 -15.78 3.07
N SER B 238 2.70 -15.34 2.23
CA SER B 238 2.90 -13.91 2.03
C SER B 238 2.42 -13.44 0.67
N GLU B 239 1.71 -14.33 -0.03
CA GLU B 239 1.18 -14.03 -1.35
C GLU B 239 0.28 -12.80 -1.27
N HIS B 240 -0.41 -12.63 -0.14
CA HIS B 240 -1.31 -11.50 0.04
C HIS B 240 -0.58 -10.18 0.17
N LYS B 241 0.75 -10.23 0.28
CA LYS B 241 1.53 -9.01 0.40
C LYS B 241 2.12 -8.57 -0.95
N ARG B 242 2.06 -9.45 -1.93
CA ARG B 242 2.60 -9.14 -3.25
C ARG B 242 1.52 -8.80 -4.29
N ARG B 243 0.35 -8.37 -3.81
CA ARG B 243 -0.73 -8.00 -4.70
C ARG B 243 -1.59 -6.87 -4.14
N LEU B 244 -2.32 -6.19 -5.00
CA LEU B 244 -3.21 -5.12 -4.54
C LEU B 244 -4.50 -5.77 -4.06
N PRO B 245 -5.26 -5.09 -3.19
CA PRO B 245 -6.51 -5.62 -2.67
C PRO B 245 -7.42 -6.18 -3.77
N ILE B 246 -7.81 -7.45 -3.64
CA ILE B 246 -8.67 -8.05 -4.65
C ILE B 246 -10.09 -8.21 -4.13
N GLY B 247 -11.03 -8.34 -5.06
CA GLY B 247 -12.42 -8.53 -4.72
C GLY B 247 -12.98 -9.56 -5.68
N PRO B 248 -14.22 -10.03 -5.48
CA PRO B 248 -14.78 -11.03 -6.40
C PRO B 248 -14.98 -10.46 -7.80
N SER B 249 -14.95 -11.34 -8.80
CA SER B 249 -15.12 -10.95 -10.21
C SER B 249 -16.56 -11.27 -10.64
N PHE B 250 -17.06 -10.61 -11.70
CA PHE B 250 -18.44 -10.83 -12.15
C PHE B 250 -18.65 -11.01 -13.66
N GLU B 251 -17.62 -11.43 -14.38
CA GLU B 251 -17.71 -11.62 -15.82
C GLU B 251 -18.85 -12.52 -16.29
N ASP B 252 -19.03 -13.66 -15.62
CA ASP B 252 -20.09 -14.59 -15.99
C ASP B 252 -21.48 -14.13 -15.58
N LEU B 253 -21.57 -13.08 -14.79
CA LEU B 253 -22.87 -12.58 -14.35
C LEU B 253 -23.32 -11.37 -15.14
N ILE B 254 -22.50 -10.95 -16.09
CA ILE B 254 -22.83 -9.81 -16.92
C ILE B 254 -23.75 -10.27 -18.04
N VAL B 255 -24.96 -9.72 -18.06
CA VAL B 255 -25.95 -10.07 -19.07
C VAL B 255 -25.62 -9.32 -20.36
N GLY B 256 -25.04 -10.04 -21.31
CA GLY B 256 -24.68 -9.43 -22.58
C GLY B 256 -25.54 -9.95 -23.72
#